data_9GND
#
_entry.id   9GND
#
_cell.length_a   56.520
_cell.length_b   94.271
_cell.length_c   110.640
_cell.angle_alpha   90.00
_cell.angle_beta   90.00
_cell.angle_gamma   90.00
#
_symmetry.space_group_name_H-M   'P 21 21 21'
#
loop_
_entity.id
_entity.type
_entity.pdbx_description
1 polymer 'Putative F420-dependent oxidoreductase'
2 non-polymer 'COENZYME F420'
3 water water
#
_entity_poly.entity_id   1
_entity_poly.type   'polypeptide(L)'
_entity_poly.pdbx_seq_one_letter_code
;MGSSHHHHHHSSGLVPRGSHMTTLRPFRFGVNLVPTPGVSSWRETCRTAEQSGYDVIAVPDALGVHSPFIAMMAAAAVTE
RVQLTTFVLNSAFWNPVLLARDLLTAHELTGGRVEAGLGTGYVRAEFETAGLDWGTAGTRVTRLADTLAALRTLAVPTPL
MVGGNGDRVLGLAAEHADTVSFSGATLTPGSARGTLRMITAEAMDERVAFFAERAGERDSQVERNTLVQSVIATDDRAAT
AKAMRSRMPYLTAEQILQLPTLLIGTPAQMAETLLERRERFGFSYVCVQERYLAAFAPVIGLLGSARG
;
_entity_poly.pdbx_strand_id   A,B
#
loop_
_chem_comp.id
_chem_comp.type
_chem_comp.name
_chem_comp.formula
F42 non-polymer 'COENZYME F420' 'C29 H36 N5 O18 P'
#
# COMPACT_ATOMS: atom_id res chain seq x y z
N ARG A 25 15.00 -12.59 26.80
CA ARG A 25 14.86 -13.79 25.94
C ARG A 25 15.58 -13.62 24.61
N PRO A 26 16.15 -14.70 24.10
CA PRO A 26 16.83 -14.60 22.80
C PRO A 26 15.85 -14.18 21.71
N PHE A 27 16.36 -13.41 20.77
CA PHE A 27 15.53 -12.95 19.66
C PHE A 27 15.06 -14.14 18.82
N ARG A 28 13.87 -13.99 18.26
CA ARG A 28 13.25 -14.90 17.30
C ARG A 28 12.59 -14.01 16.25
N PHE A 29 12.78 -14.31 14.96
CA PHE A 29 12.34 -13.40 13.90
C PHE A 29 11.37 -14.07 12.95
N GLY A 30 10.26 -13.41 12.69
CA GLY A 30 9.25 -13.97 11.81
C GLY A 30 8.94 -13.10 10.61
N VAL A 31 8.38 -13.70 9.56
CA VAL A 31 7.90 -12.93 8.43
C VAL A 31 6.48 -13.38 8.16
N ASN A 32 5.57 -12.41 8.00
CA ASN A 32 4.15 -12.66 7.75
C ASN A 32 3.94 -12.72 6.25
N LEU A 33 3.73 -13.94 5.75
CA LEU A 33 3.53 -14.19 4.33
C LEU A 33 2.05 -14.34 4.06
N VAL A 34 1.63 -14.02 2.85
CA VAL A 34 0.24 -14.11 2.47
C VAL A 34 0.10 -15.15 1.35
N PRO A 35 -0.34 -16.37 1.67
CA PRO A 35 -0.55 -17.35 0.62
C PRO A 35 -1.78 -16.98 -0.18
N THR A 36 -1.58 -16.67 -1.45
CA THR A 36 -2.60 -16.00 -2.26
C THR A 36 -3.12 -16.93 -3.33
N PRO A 37 -4.45 -17.09 -3.41
CA PRO A 37 -5.02 -17.90 -4.49
C PRO A 37 -4.66 -17.35 -5.87
N GLY A 38 -4.30 -18.26 -6.76
CA GLY A 38 -3.94 -17.86 -8.11
C GLY A 38 -2.50 -17.45 -8.29
N VAL A 39 -1.71 -17.45 -7.24
CA VAL A 39 -0.30 -17.06 -7.28
C VAL A 39 0.52 -18.31 -6.97
N SER A 40 1.33 -18.78 -7.93
CA SER A 40 1.94 -20.10 -7.83
C SER A 40 3.29 -20.09 -7.11
N SER A 41 3.60 -19.07 -6.34
CA SER A 41 4.94 -18.92 -5.80
C SER A 41 5.06 -19.30 -4.33
N TRP A 42 4.10 -20.04 -3.75
CA TRP A 42 4.09 -20.22 -2.30
C TRP A 42 5.30 -20.99 -1.83
N ARG A 43 5.59 -22.13 -2.47
CA ARG A 43 6.75 -22.92 -2.07
C ARG A 43 8.03 -22.10 -2.19
N GLU A 44 8.22 -21.39 -3.31
CA GLU A 44 9.42 -20.57 -3.47
C GLU A 44 9.54 -19.50 -2.38
N THR A 45 8.42 -18.86 -2.05
CA THR A 45 8.44 -17.81 -1.04
C THR A 45 8.83 -18.37 0.33
N CYS A 46 8.30 -19.55 0.66
CA CYS A 46 8.62 -20.13 1.96
C CYS A 46 10.10 -20.51 2.06
N ARG A 47 10.69 -21.03 0.99
CA ARG A 47 12.10 -21.36 0.99
C ARG A 47 12.95 -20.10 1.13
N THR A 48 12.56 -19.02 0.47
CA THR A 48 13.30 -17.76 0.60
C THR A 48 13.29 -17.25 2.05
N ALA A 49 12.16 -17.37 2.74
CA ALA A 49 12.08 -16.93 4.13
C ALA A 49 13.07 -17.69 4.99
N GLU A 50 13.11 -19.01 4.84
CA GLU A 50 14.02 -19.84 5.66
C GLU A 50 15.48 -19.55 5.29
N GLN A 51 15.78 -19.46 4.00
CA GLN A 51 17.18 -19.23 3.53
C GLN A 51 17.66 -17.84 3.98
N SER A 52 16.73 -16.90 4.16
CA SER A 52 17.07 -15.52 4.59
C SER A 52 17.28 -15.46 6.11
N GLY A 53 17.04 -16.54 6.85
CA GLY A 53 17.36 -16.59 8.27
C GLY A 53 16.20 -16.39 9.21
N TYR A 54 14.99 -16.31 8.71
CA TYR A 54 13.85 -16.16 9.60
C TYR A 54 13.65 -17.44 10.40
N ASP A 55 13.12 -17.27 11.61
CA ASP A 55 12.81 -18.40 12.49
C ASP A 55 11.37 -18.86 12.40
N VAL A 56 10.49 -18.01 11.88
CA VAL A 56 9.06 -18.28 11.86
C VAL A 56 8.46 -17.75 10.57
N ILE A 57 7.59 -18.55 9.98
CA ILE A 57 6.69 -18.10 8.92
C ILE A 57 5.31 -17.99 9.52
N ALA A 58 4.68 -16.84 9.37
CA ALA A 58 3.36 -16.56 9.89
C ALA A 58 2.38 -16.36 8.74
N VAL A 59 1.16 -16.85 8.90
CA VAL A 59 0.14 -16.69 7.86
C VAL A 59 -1.16 -16.17 8.45
N PRO A 60 -1.93 -15.38 7.70
CA PRO A 60 -3.15 -14.82 8.26
C PRO A 60 -4.34 -15.75 8.11
N ASP A 61 -5.44 -15.34 8.71
CA ASP A 61 -6.72 -16.03 8.60
C ASP A 61 -7.74 -15.04 8.03
N ALA A 62 -7.97 -15.12 6.73
CA ALA A 62 -8.84 -14.16 6.06
C ALA A 62 -9.54 -14.82 4.88
N LEU A 63 -10.72 -14.34 4.56
CA LEU A 63 -11.36 -14.80 3.34
C LEU A 63 -10.57 -14.26 2.14
N GLY A 64 -10.54 -15.01 1.07
CA GLY A 64 -9.75 -14.59 -0.05
C GLY A 64 -8.28 -14.90 0.04
N VAL A 65 -7.83 -15.42 1.16
CA VAL A 65 -6.46 -15.90 1.36
C VAL A 65 -6.54 -17.42 1.46
N HIS A 66 -5.46 -18.09 1.13
CA HIS A 66 -5.45 -19.55 1.28
C HIS A 66 -5.73 -19.91 2.74
N SER A 67 -6.35 -21.08 2.93
CA SER A 67 -6.67 -21.60 4.26
C SER A 67 -5.40 -21.81 5.08
N PRO A 68 -5.36 -21.34 6.35
CA PRO A 68 -4.06 -21.22 7.04
C PRO A 68 -3.37 -22.53 7.36
N PHE A 69 -4.07 -23.52 7.90
CA PHE A 69 -3.38 -24.76 8.24
C PHE A 69 -2.96 -25.53 7.00
N ILE A 70 -3.75 -25.47 5.93
CA ILE A 70 -3.36 -26.13 4.68
C ILE A 70 -2.14 -25.44 4.07
N ALA A 71 -2.10 -24.11 4.11
CA ALA A 71 -0.93 -23.41 3.59
C ALA A 71 0.29 -23.71 4.44
N MET A 72 0.10 -23.84 5.77
CA MET A 72 1.20 -24.17 6.68
C MET A 72 1.77 -25.56 6.40
N MET A 73 0.91 -26.52 6.06
CA MET A 73 1.43 -27.83 5.71
C MET A 73 2.24 -27.78 4.43
N ALA A 74 1.77 -27.02 3.44
CA ALA A 74 2.54 -26.85 2.22
C ALA A 74 3.90 -26.22 2.49
N ALA A 75 3.95 -25.26 3.42
CA ALA A 75 5.22 -24.66 3.81
C ALA A 75 6.12 -25.65 4.55
N ALA A 76 5.54 -26.48 5.41
CA ALA A 76 6.34 -27.44 6.16
C ALA A 76 6.97 -28.50 5.24
N ALA A 77 6.35 -28.76 4.11
CA ALA A 77 6.91 -29.73 3.18
C ALA A 77 8.16 -29.23 2.46
N VAL A 78 8.41 -27.92 2.40
CA VAL A 78 9.54 -27.38 1.66
C VAL A 78 10.53 -26.64 2.57
N THR A 79 10.31 -26.67 3.87
CA THR A 79 11.23 -26.07 4.82
C THR A 79 11.57 -27.10 5.88
N GLU A 80 12.69 -26.89 6.55
CA GLU A 80 13.14 -27.83 7.58
C GLU A 80 13.25 -27.23 8.97
N ARG A 81 13.53 -25.94 9.08
CA ARG A 81 13.88 -25.31 10.35
C ARG A 81 12.78 -24.42 10.92
N VAL A 82 12.11 -23.60 10.09
CA VAL A 82 11.22 -22.58 10.64
C VAL A 82 10.03 -23.18 11.39
N GLN A 83 9.58 -22.48 12.42
CA GLN A 83 8.27 -22.71 12.98
C GLN A 83 7.24 -22.07 12.06
N LEU A 84 6.02 -22.61 12.10
CA LEU A 84 4.90 -22.15 11.28
C LEU A 84 3.82 -21.70 12.23
N THR A 85 3.29 -20.48 12.02
CA THR A 85 2.25 -19.98 12.93
C THR A 85 1.11 -19.30 12.19
N THR A 86 -0.07 -19.34 12.80
CA THR A 86 -1.16 -18.46 12.42
C THR A 86 -0.99 -17.14 13.13
N PHE A 87 -1.34 -16.07 12.42
CA PHE A 87 -1.05 -14.73 12.88
C PHE A 87 -2.08 -13.78 12.28
N VAL A 88 -3.28 -13.72 12.87
CA VAL A 88 -3.77 -14.63 13.90
C VAL A 88 -5.15 -15.21 13.40
N LEU A 89 -5.58 -16.33 13.99
CA LEU A 89 -6.88 -16.88 13.67
C LEU A 89 -8.00 -15.94 14.11
N ASN A 90 -9.02 -15.82 13.25
CA ASN A 90 -10.26 -15.12 13.56
C ASN A 90 -11.11 -16.08 14.37
N SER A 91 -11.29 -15.79 15.66
CA SER A 91 -11.98 -16.74 16.53
C SER A 91 -13.40 -17.03 16.07
N ALA A 92 -14.03 -16.12 15.33
CA ALA A 92 -15.39 -16.40 14.85
C ALA A 92 -15.42 -17.51 13.80
N PHE A 93 -14.29 -17.82 13.20
CA PHE A 93 -14.23 -18.78 12.10
C PHE A 93 -14.12 -20.23 12.55
N TRP A 94 -13.89 -20.49 13.84
CA TRP A 94 -13.43 -21.81 14.29
C TRP A 94 -14.28 -22.33 15.44
N ASN A 95 -14.72 -23.57 15.31
CA ASN A 95 -15.33 -24.31 16.43
C ASN A 95 -14.20 -24.83 17.32
N PRO A 96 -14.25 -24.61 18.64
CA PRO A 96 -13.06 -24.93 19.47
C PRO A 96 -12.65 -26.40 19.46
N VAL A 97 -13.63 -27.31 19.47
CA VAL A 97 -13.31 -28.74 19.47
C VAL A 97 -12.68 -29.14 18.13
N LEU A 98 -13.22 -28.61 17.04
CA LEU A 98 -12.66 -28.91 15.73
C LEU A 98 -11.31 -28.23 15.52
N LEU A 99 -11.13 -27.01 16.05
CA LEU A 99 -9.81 -26.38 16.01
C LEU A 99 -8.77 -27.20 16.80
N ALA A 100 -9.16 -27.72 17.97
CA ALA A 100 -8.25 -28.59 18.71
C ALA A 100 -7.87 -29.81 17.89
N ARG A 101 -8.82 -30.40 17.16
CA ARG A 101 -8.49 -31.50 16.26
C ARG A 101 -7.45 -31.07 15.24
N ASP A 102 -7.66 -29.91 14.59
CA ASP A 102 -6.69 -29.40 13.62
C ASP A 102 -5.31 -29.19 14.25
N LEU A 103 -5.27 -28.61 15.44
CA LEU A 103 -3.99 -28.27 16.05
C LEU A 103 -3.21 -29.53 16.42
N LEU A 104 -3.89 -30.52 16.99
CA LEU A 104 -3.21 -31.78 17.27
C LEU A 104 -2.67 -32.41 15.98
N THR A 105 -3.46 -32.35 14.91
CA THR A 105 -3.02 -32.94 13.66
C THR A 105 -1.80 -32.21 13.13
N ALA A 106 -1.88 -30.89 13.08
CA ALA A 106 -0.77 -30.09 12.55
C ALA A 106 0.48 -30.34 13.35
N HIS A 107 0.36 -30.43 14.68
CA HIS A 107 1.50 -30.71 15.55
C HIS A 107 2.14 -32.05 15.18
N GLU A 108 1.34 -33.12 15.17
CA GLU A 108 1.92 -34.45 15.00
C GLU A 108 2.46 -34.64 13.59
N LEU A 109 1.76 -34.13 12.58
CA LEU A 109 2.17 -34.41 11.21
C LEU A 109 3.24 -33.46 10.70
N THR A 110 3.66 -32.45 11.48
CA THR A 110 4.85 -31.65 11.14
C THR A 110 6.03 -31.92 12.07
N GLY A 111 5.87 -32.81 13.05
CA GLY A 111 6.90 -33.02 14.04
C GLY A 111 7.06 -31.89 15.03
N GLY A 112 5.97 -31.22 15.39
CA GLY A 112 6.01 -30.20 16.41
C GLY A 112 6.38 -28.81 15.95
N ARG A 113 6.11 -28.47 14.70
CA ARG A 113 6.60 -27.21 14.15
C ARG A 113 5.53 -26.12 14.08
N VAL A 114 4.32 -26.33 14.62
CA VAL A 114 3.20 -25.41 14.47
C VAL A 114 2.87 -24.72 15.78
N GLU A 115 2.63 -23.42 15.67
CA GLU A 115 2.12 -22.60 16.75
C GLU A 115 0.85 -21.93 16.27
N ALA A 116 -0.03 -21.60 17.20
CA ALA A 116 -1.33 -21.02 16.84
C ALA A 116 -1.53 -19.66 17.51
N GLY A 117 -1.55 -18.61 16.70
CA GLY A 117 -1.93 -17.29 17.16
C GLY A 117 -3.42 -17.13 16.93
N LEU A 118 -4.09 -16.53 17.92
CA LEU A 118 -5.53 -16.33 17.92
C LEU A 118 -5.91 -14.90 18.29
N GLY A 119 -6.98 -14.41 17.67
CA GLY A 119 -7.50 -13.11 18.00
C GLY A 119 -9.01 -13.11 17.83
N THR A 120 -9.60 -11.94 18.02
CA THR A 120 -11.05 -11.83 18.05
C THR A 120 -11.70 -11.69 16.68
N GLY A 121 -10.94 -11.27 15.67
CA GLY A 121 -11.59 -10.87 14.44
C GLY A 121 -12.00 -9.43 14.45
N TYR A 122 -11.95 -8.75 13.27
CA TYR A 122 -12.22 -7.32 13.26
C TYR A 122 -12.74 -6.76 11.94
N VAL A 123 -12.91 -7.57 10.90
CA VAL A 123 -13.42 -7.10 9.61
C VAL A 123 -14.86 -7.60 9.47
N ARG A 124 -15.82 -6.67 9.56
CA ARG A 124 -17.22 -7.06 9.63
C ARG A 124 -17.69 -7.75 8.35
N ALA A 125 -17.18 -7.34 7.19
CA ALA A 125 -17.63 -7.94 5.93
C ALA A 125 -17.28 -9.41 5.84
N GLU A 126 -16.19 -9.85 6.48
CA GLU A 126 -15.87 -11.27 6.46
C GLU A 126 -16.84 -12.08 7.32
N PHE A 127 -17.21 -11.57 8.49
CA PHE A 127 -18.27 -12.22 9.25
C PHE A 127 -19.49 -12.41 8.37
N GLU A 128 -19.94 -11.31 7.72
CA GLU A 128 -21.21 -11.33 7.00
C GLU A 128 -21.13 -12.25 5.80
N THR A 129 -20.00 -12.28 5.10
CA THR A 129 -19.88 -13.15 3.93
C THR A 129 -19.93 -14.62 4.33
N ALA A 130 -19.41 -14.95 5.50
CA ALA A 130 -19.41 -16.33 5.97
C ALA A 130 -20.68 -16.70 6.73
N GLY A 131 -21.61 -15.76 6.86
CA GLY A 131 -22.87 -16.02 7.53
C GLY A 131 -22.77 -16.07 9.03
N LEU A 132 -21.84 -15.33 9.62
CA LEU A 132 -21.58 -15.31 11.05
C LEU A 132 -22.06 -14.00 11.67
N ASP A 133 -22.38 -14.06 12.97
CA ASP A 133 -22.90 -12.90 13.69
C ASP A 133 -21.74 -11.98 14.08
N TRP A 134 -21.76 -10.75 13.58
CA TRP A 134 -20.77 -9.76 13.99
C TRP A 134 -20.92 -9.46 15.49
N GLY A 135 -22.15 -9.35 15.95
CA GLY A 135 -22.38 -9.12 17.37
C GLY A 135 -21.72 -7.83 17.85
N THR A 136 -21.16 -7.89 19.05
CA THR A 136 -20.53 -6.73 19.69
C THR A 136 -19.07 -7.03 19.97
N ALA A 137 -18.31 -5.98 20.28
CA ALA A 137 -16.96 -6.20 20.74
C ALA A 137 -16.95 -7.19 21.91
N GLY A 138 -17.94 -7.08 22.80
CA GLY A 138 -18.00 -7.99 23.94
C GLY A 138 -18.17 -9.44 23.52
N THR A 139 -19.08 -9.70 22.56
CA THR A 139 -19.31 -11.08 22.15
C THR A 139 -18.13 -11.61 21.33
N ARG A 140 -17.44 -10.74 20.59
CA ARG A 140 -16.29 -11.23 19.83
C ARG A 140 -15.14 -11.61 20.76
N VAL A 141 -14.93 -10.83 21.83
CA VAL A 141 -13.91 -11.18 22.81
C VAL A 141 -14.33 -12.41 23.61
N THR A 142 -15.62 -12.54 23.91
CA THR A 142 -16.05 -13.73 24.65
C THR A 142 -15.82 -15.00 23.84
N ARG A 143 -15.98 -14.91 22.51
CA ARG A 143 -15.74 -16.07 21.67
C ARG A 143 -14.28 -16.49 21.77
N LEU A 144 -13.38 -15.52 21.78
CA LEU A 144 -11.95 -15.82 21.94
C LEU A 144 -11.70 -16.47 23.29
N ALA A 145 -12.28 -15.91 24.36
CA ALA A 145 -12.10 -16.44 25.70
C ALA A 145 -12.60 -17.87 25.78
N ASP A 146 -13.78 -18.15 25.18
CA ASP A 146 -14.33 -19.50 25.20
C ASP A 146 -13.42 -20.49 24.47
N THR A 147 -12.87 -20.04 23.34
CA THR A 147 -12.00 -20.92 22.55
C THR A 147 -10.69 -21.21 23.28
N LEU A 148 -10.08 -20.20 23.87
CA LEU A 148 -8.84 -20.43 24.59
C LEU A 148 -9.04 -21.39 25.76
N ALA A 149 -10.14 -21.23 26.50
CA ALA A 149 -10.41 -22.11 27.62
C ALA A 149 -10.55 -23.56 27.15
N ALA A 150 -11.25 -23.76 26.02
CA ALA A 150 -11.46 -25.11 25.55
C ALA A 150 -10.16 -25.72 25.04
N LEU A 151 -9.34 -24.94 24.33
CA LEU A 151 -8.08 -25.47 23.85
C LEU A 151 -7.17 -25.91 24.99
N ARG A 152 -7.11 -25.11 26.06
CA ARG A 152 -6.32 -25.49 27.23
C ARG A 152 -6.89 -26.72 27.92
N THR A 153 -8.23 -26.80 28.02
CA THR A 153 -8.87 -27.97 28.61
C THR A 153 -8.59 -29.22 27.79
N LEU A 154 -8.54 -29.11 26.46
CA LEU A 154 -8.19 -30.23 25.60
C LEU A 154 -6.69 -30.46 25.52
N ALA A 155 -5.90 -29.66 26.22
CA ALA A 155 -4.45 -29.86 26.31
C ALA A 155 -3.78 -29.90 24.94
N VAL A 156 -4.13 -28.95 24.07
CA VAL A 156 -3.53 -28.95 22.74
C VAL A 156 -2.02 -28.82 22.86
N PRO A 157 -1.23 -29.49 22.01
CA PRO A 157 0.24 -29.43 22.16
C PRO A 157 0.89 -28.24 21.48
N THR A 158 0.15 -27.51 20.65
CA THR A 158 0.73 -26.34 19.96
C THR A 158 0.86 -25.15 20.91
N PRO A 159 2.00 -24.44 20.91
CA PRO A 159 2.08 -23.16 21.64
C PRO A 159 1.02 -22.19 21.13
N LEU A 160 0.44 -21.42 22.04
CA LEU A 160 -0.66 -20.50 21.71
C LEU A 160 -0.22 -19.04 21.85
N MET A 161 -0.49 -18.24 20.83
CA MET A 161 -0.21 -16.79 20.89
C MET A 161 -1.56 -16.08 20.92
N VAL A 162 -1.70 -15.01 21.68
CA VAL A 162 -2.90 -14.17 21.69
C VAL A 162 -2.49 -12.75 21.35
N GLY A 163 -3.15 -12.16 20.37
CA GLY A 163 -2.79 -10.85 19.86
C GLY A 163 -3.92 -9.85 20.02
N GLY A 164 -3.58 -8.65 20.40
CA GLY A 164 -4.49 -7.51 20.38
C GLY A 164 -4.21 -6.67 21.62
N ASN A 165 -4.67 -5.42 21.58
CA ASN A 165 -4.34 -4.46 22.64
C ASN A 165 -5.51 -4.12 23.56
N GLY A 166 -6.67 -4.70 23.35
CA GLY A 166 -7.78 -4.46 24.26
C GLY A 166 -7.49 -5.01 25.65
N ASP A 167 -8.14 -4.39 26.65
CA ASP A 167 -7.93 -4.82 28.04
C ASP A 167 -8.29 -6.28 28.23
N ARG A 168 -9.46 -6.71 27.73
CA ARG A 168 -9.86 -8.08 27.92
C ARG A 168 -8.95 -9.04 27.17
N VAL A 169 -8.54 -8.67 25.95
CA VAL A 169 -7.70 -9.56 25.16
C VAL A 169 -6.33 -9.73 25.81
N LEU A 170 -5.75 -8.64 26.29
CA LEU A 170 -4.46 -8.80 26.95
C LEU A 170 -4.62 -9.59 28.25
N GLY A 171 -5.75 -9.41 28.96
CA GLY A 171 -6.04 -10.27 30.11
C GLY A 171 -6.11 -11.75 29.75
N LEU A 172 -6.67 -12.06 28.58
CA LEU A 172 -6.74 -13.44 28.13
C LEU A 172 -5.35 -13.96 27.80
N ALA A 173 -4.53 -13.12 27.18
CA ALA A 173 -3.14 -13.52 26.89
C ALA A 173 -2.38 -13.83 28.18
N ALA A 174 -2.58 -12.99 29.20
CA ALA A 174 -1.91 -13.18 30.48
C ALA A 174 -2.34 -14.49 31.13
N GLU A 175 -3.61 -14.86 30.97
CA GLU A 175 -4.15 -16.07 31.55
C GLU A 175 -3.71 -17.31 30.81
N HIS A 176 -3.71 -17.28 29.47
CA HIS A 176 -3.69 -18.51 28.68
C HIS A 176 -2.49 -18.65 27.76
N ALA A 177 -1.85 -17.57 27.35
CA ALA A 177 -0.96 -17.67 26.19
C ALA A 177 0.46 -18.04 26.58
N ASP A 178 1.16 -18.67 25.61
CA ASP A 178 2.62 -18.80 25.68
C ASP A 178 3.35 -17.59 25.11
N THR A 179 2.71 -16.85 24.21
CA THR A 179 3.23 -15.66 23.56
C THR A 179 2.11 -14.62 23.50
N VAL A 180 2.40 -13.39 23.89
CA VAL A 180 1.48 -12.29 23.73
C VAL A 180 1.98 -11.41 22.60
N SER A 181 1.10 -11.06 21.66
CA SER A 181 1.45 -10.19 20.54
C SER A 181 0.79 -8.83 20.74
N PHE A 182 1.60 -7.80 20.92
CA PHE A 182 1.12 -6.44 21.08
C PHE A 182 0.95 -5.78 19.73
N SER A 183 -0.27 -5.33 19.46
CA SER A 183 -0.53 -4.61 18.23
C SER A 183 0.03 -3.20 18.33
N GLY A 184 0.65 -2.75 17.25
CA GLY A 184 1.18 -1.41 17.28
C GLY A 184 0.30 -0.37 16.63
N ALA A 185 -0.98 -0.71 16.42
CA ALA A 185 -1.93 0.17 15.74
C ALA A 185 -3.36 -0.07 16.21
N THR A 186 -4.18 0.96 16.04
CA THR A 186 -5.60 0.85 16.33
C THR A 186 -6.36 1.13 15.06
N LEU A 187 -7.63 0.73 15.01
CA LEU A 187 -8.50 0.99 13.83
C LEU A 187 -9.94 0.76 14.28
N THR A 188 -10.86 1.66 13.91
CA THR A 188 -12.28 1.43 14.22
C THR A 188 -12.69 0.08 13.65
N PRO A 189 -13.16 -0.88 14.46
CA PRO A 189 -13.49 -2.21 13.95
C PRO A 189 -14.45 -2.13 12.78
N THR A 195 -6.48 4.59 7.66
CA THR A 195 -6.96 3.31 8.19
C THR A 195 -6.34 3.04 9.54
N LEU A 196 -5.07 2.65 9.54
CA LEU A 196 -4.40 2.25 10.80
C LEU A 196 -3.74 3.46 11.44
N ARG A 197 -3.92 3.62 12.75
CA ARG A 197 -3.25 4.71 13.49
C ARG A 197 -2.14 4.09 14.35
N MET A 198 -0.91 4.54 14.16
CA MET A 198 0.24 3.98 14.92
C MET A 198 0.21 4.49 16.36
N ILE A 199 0.42 3.59 17.31
CA ILE A 199 0.40 3.98 18.73
C ILE A 199 1.82 4.38 19.16
N THR A 200 1.93 5.38 20.02
CA THR A 200 3.22 5.88 20.47
C THR A 200 3.93 4.86 21.36
N ALA A 201 5.24 5.06 21.47
CA ALA A 201 6.00 4.24 22.40
C ALA A 201 5.46 4.37 23.83
N GLU A 202 4.99 5.56 24.20
CA GLU A 202 4.45 5.79 25.54
C GLU A 202 3.17 4.98 25.75
N ALA A 203 2.29 4.97 24.76
CA ALA A 203 1.11 4.11 24.87
C ALA A 203 1.51 2.64 24.94
N MET A 204 2.50 2.23 24.15
CA MET A 204 2.93 0.83 24.21
C MET A 204 3.50 0.51 25.58
N ASP A 205 4.25 1.44 26.19
CA ASP A 205 4.71 1.24 27.57
C ASP A 205 3.55 0.85 28.48
N GLU A 206 2.43 1.58 28.39
CA GLU A 206 1.28 1.31 29.24
C GLU A 206 0.65 -0.04 28.92
N ARG A 207 0.56 -0.40 27.62
CA ARG A 207 -0.05 -1.68 27.26
C ARG A 207 0.81 -2.84 27.78
N VAL A 208 2.14 -2.72 27.68
CA VAL A 208 3.02 -3.78 28.19
C VAL A 208 2.93 -3.87 29.72
N ALA A 209 2.88 -2.72 30.39
CA ALA A 209 2.71 -2.74 31.84
C ALA A 209 1.34 -3.32 32.23
N PHE A 210 0.30 -3.03 31.48
CA PHE A 210 -1.04 -3.57 31.78
C PHE A 210 -0.95 -5.10 31.72
N PHE A 211 -0.40 -5.61 30.62
CA PHE A 211 -0.26 -7.06 30.43
C PHE A 211 0.52 -7.66 31.59
N ALA A 212 1.65 -7.06 31.96
CA ALA A 212 2.53 -7.59 33.02
C ALA A 212 1.77 -7.68 34.35
N GLU A 213 0.93 -6.70 34.64
CA GLU A 213 0.19 -6.68 35.93
C GLU A 213 -0.82 -7.83 35.91
N ARG A 214 -1.49 -8.03 34.78
CA ARG A 214 -2.50 -9.10 34.67
C ARG A 214 -1.79 -10.47 34.74
N ALA A 215 -0.61 -10.57 34.17
CA ALA A 215 0.12 -11.86 34.10
C ALA A 215 0.62 -12.23 35.50
N GLY A 216 0.99 -11.24 36.31
CA GLY A 216 1.48 -11.55 37.65
C GLY A 216 2.69 -12.46 37.61
N GLU A 217 2.65 -13.52 38.43
CA GLU A 217 3.78 -14.42 38.54
C GLU A 217 4.07 -15.15 37.23
N ARG A 218 3.11 -15.19 36.31
CA ARG A 218 3.33 -15.88 35.04
C ARG A 218 4.02 -15.01 33.99
N ASP A 219 4.26 -13.73 34.31
CA ASP A 219 4.79 -12.78 33.34
C ASP A 219 6.04 -13.33 32.68
N SER A 220 6.97 -13.87 33.48
CA SER A 220 8.24 -14.28 32.93
C SER A 220 8.14 -15.54 32.06
N GLN A 221 7.01 -16.23 32.06
CA GLN A 221 6.84 -17.39 31.22
C GLN A 221 6.19 -17.10 29.87
N VAL A 222 5.89 -15.83 29.58
CA VAL A 222 5.18 -15.45 28.36
C VAL A 222 6.12 -14.63 27.47
N GLU A 223 6.37 -15.15 26.28
CA GLU A 223 7.16 -14.47 25.25
C GLU A 223 6.38 -13.26 24.70
N ARG A 224 7.08 -12.15 24.44
CA ARG A 224 6.45 -10.95 23.91
C ARG A 224 6.86 -10.70 22.45
N ASN A 225 5.84 -10.55 21.61
CA ASN A 225 5.92 -10.38 20.17
C ASN A 225 5.37 -9.01 19.77
N THR A 226 5.95 -8.48 18.70
CA THR A 226 5.32 -7.37 18.00
C THR A 226 5.59 -7.48 16.53
N LEU A 227 4.69 -6.91 15.73
CA LEU A 227 4.79 -6.87 14.28
C LEU A 227 5.22 -5.47 13.86
N VAL A 228 6.33 -5.40 13.15
CA VAL A 228 6.83 -4.17 12.58
C VAL A 228 6.13 -4.00 11.24
N GLN A 229 5.46 -2.87 11.05
CA GLN A 229 4.72 -2.64 9.82
C GLN A 229 5.62 -2.20 8.67
N SER A 230 6.64 -1.37 8.94
CA SER A 230 7.51 -0.89 7.86
C SER A 230 8.96 -0.89 8.31
N VAL A 231 9.82 -1.35 7.40
CA VAL A 231 11.26 -1.42 7.57
C VAL A 231 11.85 -0.52 6.51
N ILE A 232 12.35 0.64 6.93
CA ILE A 232 12.74 1.71 6.02
C ILE A 232 14.26 1.83 6.07
N ALA A 233 14.94 1.30 5.06
CA ALA A 233 16.38 1.46 4.95
C ALA A 233 16.72 2.87 4.48
N THR A 234 17.53 3.58 5.25
CA THR A 234 17.91 4.93 4.88
C THR A 234 19.18 5.31 5.61
N ASP A 235 19.93 6.22 5.01
CA ASP A 235 21.13 6.78 5.62
C ASP A 235 20.84 8.06 6.39
N ASP A 236 19.64 8.64 6.25
CA ASP A 236 19.23 9.84 6.99
C ASP A 236 17.93 9.52 7.70
N ARG A 237 18.03 8.87 8.87
CA ARG A 237 16.82 8.51 9.61
C ARG A 237 16.05 9.75 10.03
N ALA A 238 16.76 10.83 10.36
CA ALA A 238 16.10 12.05 10.83
C ALA A 238 15.27 12.69 9.73
N ALA A 239 15.85 12.85 8.53
CA ALA A 239 15.11 13.40 7.40
C ALA A 239 13.93 12.50 7.04
N THR A 240 14.12 11.18 7.12
CA THR A 240 13.03 10.26 6.80
C THR A 240 11.87 10.47 7.76
N ALA A 241 12.17 10.51 9.05
CA ALA A 241 11.10 10.67 10.03
C ALA A 241 10.38 12.00 9.85
N LYS A 242 11.13 13.06 9.53
CA LYS A 242 10.49 14.35 9.32
C LYS A 242 9.48 14.28 8.19
N ALA A 243 9.88 13.67 7.08
CA ALA A 243 8.97 13.58 5.94
C ALA A 243 7.76 12.72 6.25
N MET A 244 7.93 11.67 7.06
CA MET A 244 6.85 10.75 7.37
C MET A 244 5.77 11.39 8.24
N ARG A 245 6.01 12.57 8.79
CA ARG A 245 4.96 13.27 9.51
C ARG A 245 3.74 13.52 8.63
N SER A 246 3.95 13.60 7.31
CA SER A 246 2.84 13.80 6.39
C SER A 246 1.82 12.66 6.52
N ARG A 247 2.30 11.44 6.72
CA ARG A 247 1.41 10.29 6.87
C ARG A 247 0.84 10.20 8.27
N MET A 248 1.48 10.83 9.26
CA MET A 248 1.10 10.70 10.67
C MET A 248 1.16 12.08 11.31
N PRO A 249 0.25 12.98 10.92
CA PRO A 249 0.34 14.37 11.40
C PRO A 249 0.19 14.50 12.90
N TYR A 250 -0.44 13.52 13.55
CA TYR A 250 -0.67 13.54 14.98
C TYR A 250 0.59 13.20 15.77
N LEU A 251 1.73 13.00 15.11
CA LEU A 251 2.97 12.65 15.79
C LEU A 251 4.09 13.61 15.40
N THR A 252 5.03 13.80 16.32
CA THR A 252 6.26 14.52 16.00
C THR A 252 7.29 13.58 15.37
N ALA A 253 8.31 14.16 14.74
CA ALA A 253 9.38 13.33 14.18
C ALA A 253 10.04 12.48 15.26
N GLU A 254 10.23 13.06 16.46
CA GLU A 254 10.82 12.29 17.55
C GLU A 254 9.94 11.08 17.91
N GLN A 255 8.62 11.28 17.97
CA GLN A 255 7.74 10.16 18.26
C GLN A 255 7.83 9.10 17.16
N ILE A 256 7.92 9.53 15.90
CA ILE A 256 7.97 8.59 14.75
C ILE A 256 9.20 7.67 14.94
N LEU A 257 10.32 8.25 15.35
CA LEU A 257 11.57 7.48 15.50
C LEU A 257 11.48 6.49 16.68
N GLN A 258 10.48 6.62 17.54
CA GLN A 258 10.30 5.69 18.69
C GLN A 258 9.10 4.74 18.49
N LEU A 259 8.37 4.84 17.37
CA LEU A 259 7.18 3.99 17.14
C LEU A 259 7.66 2.53 17.07
N PRO A 260 7.11 1.61 17.88
CA PRO A 260 7.53 0.22 17.82
C PRO A 260 7.15 -0.48 16.52
N THR A 261 6.24 0.09 15.74
CA THR A 261 5.73 -0.51 14.48
C THR A 261 6.58 -0.07 13.31
N LEU A 262 7.66 0.67 13.55
CA LEU A 262 8.49 1.20 12.45
C LEU A 262 9.96 0.98 12.76
N LEU A 263 10.73 0.51 11.78
CA LEU A 263 12.18 0.43 11.91
C LEU A 263 12.80 1.27 10.80
N ILE A 264 13.66 2.22 11.17
CA ILE A 264 14.20 3.21 10.25
C ILE A 264 15.71 3.32 10.47
N GLY A 265 16.47 3.24 9.39
CA GLY A 265 17.88 3.56 9.42
C GLY A 265 18.69 2.52 8.70
N THR A 266 19.99 2.46 9.03
CA THR A 266 20.84 1.40 8.50
C THR A 266 20.57 0.10 9.24
N PRO A 267 21.02 -1.04 8.72
CA PRO A 267 20.82 -2.29 9.46
C PRO A 267 21.45 -2.25 10.84
N ALA A 268 22.62 -1.64 10.99
CA ALA A 268 23.21 -1.50 12.32
C ALA A 268 22.32 -0.67 13.25
N GLN A 269 21.81 0.46 12.76
CA GLN A 269 20.91 1.26 13.59
C GLN A 269 19.64 0.49 13.94
N MET A 270 19.11 -0.25 12.98
CA MET A 270 17.91 -1.05 13.25
C MET A 270 18.18 -2.13 14.28
N ALA A 271 19.35 -2.78 14.21
CA ALA A 271 19.67 -3.79 15.21
C ALA A 271 19.80 -3.16 16.59
N GLU A 272 20.46 -2.00 16.67
CA GLU A 272 20.57 -1.30 17.95
C GLU A 272 19.17 -0.91 18.46
N THR A 273 18.28 -0.50 17.55
CA THR A 273 16.94 -0.13 17.98
C THR A 273 16.18 -1.32 18.55
N LEU A 274 16.33 -2.48 17.92
CA LEU A 274 15.66 -3.67 18.42
C LEU A 274 16.24 -4.11 19.76
N LEU A 275 17.55 -3.96 19.96
CA LEU A 275 18.09 -4.26 21.28
C LEU A 275 17.48 -3.33 22.35
N GLU A 276 17.37 -2.04 22.02
CA GLU A 276 16.80 -1.05 22.96
C GLU A 276 15.33 -1.38 23.23
N ARG A 277 14.60 -1.84 22.23
CA ARG A 277 13.15 -2.12 22.38
C ARG A 277 12.93 -3.45 23.14
N ARG A 278 13.90 -4.36 23.11
CA ARG A 278 13.79 -5.59 23.92
C ARG A 278 13.99 -5.20 25.39
N GLU A 279 14.89 -4.26 25.66
CA GLU A 279 15.02 -3.81 27.04
C GLU A 279 13.83 -2.97 27.50
N ARG A 280 13.31 -2.10 26.63
CA ARG A 280 12.23 -1.21 27.04
C ARG A 280 10.89 -1.93 27.16
N PHE A 281 10.56 -2.74 26.17
CA PHE A 281 9.25 -3.39 26.09
C PHE A 281 9.30 -4.88 26.36
N GLY A 282 10.47 -5.50 26.31
CA GLY A 282 10.57 -6.93 26.41
C GLY A 282 10.32 -7.64 25.10
N PHE A 283 10.26 -6.93 23.96
CA PHE A 283 9.99 -7.55 22.66
C PHE A 283 11.20 -8.33 22.17
N SER A 284 11.11 -9.66 22.17
CA SER A 284 12.16 -10.51 21.61
C SER A 284 11.72 -11.27 20.38
N TYR A 285 10.42 -11.41 20.15
CA TYR A 285 9.88 -12.09 18.97
C TYR A 285 9.37 -10.98 18.06
N VAL A 286 10.09 -10.74 16.98
CA VAL A 286 9.84 -9.61 16.10
C VAL A 286 9.47 -10.14 14.72
N CYS A 287 8.32 -9.71 14.22
CA CYS A 287 7.89 -10.08 12.88
C CYS A 287 7.83 -8.84 11.99
N VAL A 288 8.05 -9.08 10.69
CA VAL A 288 7.93 -8.07 9.66
C VAL A 288 6.96 -8.57 8.58
N GLN A 289 6.44 -7.63 7.81
CA GLN A 289 5.53 -7.95 6.72
C GLN A 289 6.31 -8.46 5.51
N GLU A 290 5.62 -9.25 4.67
CA GLU A 290 6.24 -9.91 3.50
C GLU A 290 7.04 -8.94 2.62
N ARG A 291 6.52 -7.74 2.39
CA ARG A 291 7.16 -6.76 1.48
C ARG A 291 8.57 -6.41 1.98
N TYR A 292 8.84 -6.57 3.28
CA TYR A 292 10.12 -6.18 3.86
C TYR A 292 11.00 -7.37 4.20
N LEU A 293 10.69 -8.54 3.64
CA LEU A 293 11.47 -9.74 3.92
C LEU A 293 12.96 -9.49 3.68
N ALA A 294 13.30 -9.01 2.48
CA ALA A 294 14.71 -8.81 2.14
C ALA A 294 15.31 -7.60 2.87
N ALA A 295 14.49 -6.58 3.09
CA ALA A 295 15.00 -5.36 3.71
C ALA A 295 15.43 -5.61 5.13
N PHE A 296 14.72 -6.49 5.83
CA PHE A 296 15.02 -6.80 7.22
C PHE A 296 16.08 -7.88 7.39
N ALA A 297 16.27 -8.76 6.41
CA ALA A 297 17.19 -9.87 6.59
C ALA A 297 18.58 -9.43 7.03
N PRO A 298 19.13 -8.31 6.56
CA PRO A 298 20.44 -7.88 7.09
C PRO A 298 20.45 -7.72 8.61
N VAL A 299 19.33 -7.32 9.20
CA VAL A 299 19.25 -7.14 10.66
C VAL A 299 19.40 -8.49 11.36
N ILE A 300 18.83 -9.55 10.77
CA ILE A 300 19.01 -10.89 11.31
C ILE A 300 20.49 -11.24 11.32
N GLY A 301 21.21 -10.90 10.25
CA GLY A 301 22.63 -11.20 10.24
C GLY A 301 23.36 -10.57 11.41
N LEU A 302 22.98 -9.34 11.76
CA LEU A 302 23.71 -8.62 12.79
C LEU A 302 23.32 -9.09 14.20
N LEU A 303 22.07 -9.47 14.41
CA LEU A 303 21.62 -9.96 15.70
C LEU A 303 21.89 -11.45 15.87
N GLY A 304 22.76 -12.02 15.02
CA GLY A 304 23.13 -13.42 15.10
C GLY A 304 24.39 -13.74 14.31
N ARG B 25 -4.64 18.03 0.68
CA ARG B 25 -5.20 16.72 0.39
C ARG B 25 -4.13 15.66 0.56
N PRO B 26 -4.50 14.50 1.12
CA PRO B 26 -3.51 13.41 1.29
C PRO B 26 -2.96 12.93 -0.05
N PHE B 27 -1.71 12.50 -0.03
CA PHE B 27 -1.08 12.00 -1.28
C PHE B 27 -1.70 10.71 -1.77
N ARG B 28 -1.75 10.54 -3.10
CA ARG B 28 -2.18 9.28 -3.71
C ARG B 28 -1.18 9.07 -4.85
N PHE B 29 -0.71 7.85 -5.05
CA PHE B 29 0.37 7.61 -6.03
C PHE B 29 -0.07 6.64 -7.11
N GLY B 30 0.25 6.99 -8.35
CA GLY B 30 -0.10 6.15 -9.46
C GLY B 30 1.10 5.77 -10.30
N VAL B 31 0.95 4.65 -11.02
CA VAL B 31 1.97 4.24 -11.98
C VAL B 31 1.27 4.01 -13.31
N ASN B 32 1.84 4.59 -14.38
CA ASN B 32 1.26 4.53 -15.72
C ASN B 32 1.84 3.31 -16.40
N LEU B 33 1.04 2.24 -16.48
CA LEU B 33 1.49 1.00 -17.08
C LEU B 33 1.00 0.95 -18.53
N VAL B 34 1.79 0.34 -19.40
CA VAL B 34 1.42 0.23 -20.81
C VAL B 34 1.12 -1.23 -21.11
N PRO B 35 -0.15 -1.62 -21.29
CA PRO B 35 -0.46 -3.00 -21.66
C PRO B 35 -0.17 -3.22 -23.13
N THR B 36 0.84 -4.03 -23.42
CA THR B 36 1.45 -4.05 -24.76
C THR B 36 1.10 -5.32 -25.49
N PRO B 37 0.59 -5.22 -26.71
CA PRO B 37 0.28 -6.43 -27.48
C PRO B 37 1.51 -7.31 -27.67
N GLY B 38 1.31 -8.62 -27.53
CA GLY B 38 2.40 -9.56 -27.68
C GLY B 38 3.27 -9.72 -26.47
N VAL B 39 3.04 -8.96 -25.41
CA VAL B 39 3.76 -9.08 -24.15
C VAL B 39 2.83 -9.76 -23.16
N SER B 40 3.29 -10.85 -22.55
CA SER B 40 2.43 -11.72 -21.76
C SER B 40 2.52 -11.49 -20.25
N SER B 41 3.08 -10.36 -19.82
CA SER B 41 3.34 -10.15 -18.41
C SER B 41 2.33 -9.20 -17.74
N TRP B 42 1.16 -8.98 -18.36
CA TRP B 42 0.28 -7.93 -17.85
C TRP B 42 -0.16 -8.19 -16.41
N ARG B 43 -0.67 -9.40 -16.15
CA ARG B 43 -1.16 -9.70 -14.80
C ARG B 43 -0.04 -9.53 -13.77
N GLU B 44 1.14 -10.06 -14.05
CA GLU B 44 2.26 -9.96 -13.12
C GLU B 44 2.64 -8.52 -12.84
N THR B 45 2.64 -7.67 -13.88
CA THR B 45 3.00 -6.27 -13.69
C THR B 45 2.00 -5.56 -12.81
N CYS B 46 0.71 -5.85 -12.98
CA CYS B 46 -0.30 -5.20 -12.15
C CYS B 46 -0.18 -5.63 -10.70
N ARG B 47 0.12 -6.91 -10.46
CA ARG B 47 0.35 -7.36 -9.09
C ARG B 47 1.52 -6.63 -8.48
N THR B 48 2.61 -6.47 -9.24
CA THR B 48 3.78 -5.78 -8.73
C THR B 48 3.43 -4.34 -8.34
N ALA B 49 2.63 -3.66 -9.16
CA ALA B 49 2.23 -2.30 -8.83
C ALA B 49 1.52 -2.23 -7.48
N GLU B 50 0.54 -3.11 -7.28
CA GLU B 50 -0.20 -3.10 -6.03
C GLU B 50 0.70 -3.48 -4.86
N GLN B 51 1.51 -4.52 -5.04
CA GLN B 51 2.37 -5.00 -3.95
C GLN B 51 3.41 -3.96 -3.56
N SER B 52 3.79 -3.08 -4.48
CA SER B 52 4.77 -2.02 -4.24
C SER B 52 4.16 -0.79 -3.58
N GLY B 53 2.84 -0.77 -3.35
CA GLY B 53 2.19 0.27 -2.58
C GLY B 53 1.52 1.34 -3.40
N TYR B 54 1.45 1.20 -4.72
CA TYR B 54 0.78 2.22 -5.51
C TYR B 54 -0.71 2.23 -5.21
N ASP B 55 -1.32 3.43 -5.31
CA ASP B 55 -2.76 3.59 -5.07
C ASP B 55 -3.59 3.47 -6.33
N VAL B 56 -2.96 3.67 -7.47
CA VAL B 56 -3.66 3.73 -8.75
C VAL B 56 -2.79 3.07 -9.81
N ILE B 57 -3.41 2.24 -10.67
CA ILE B 57 -2.83 1.84 -11.95
C ILE B 57 -3.50 2.67 -13.03
N ALA B 58 -2.70 3.30 -13.88
CA ALA B 58 -3.18 4.12 -14.97
C ALA B 58 -2.78 3.47 -16.29
N VAL B 59 -3.66 3.57 -17.29
CA VAL B 59 -3.37 3.03 -18.61
C VAL B 59 -3.62 4.08 -19.68
N PRO B 60 -2.92 4.01 -20.79
CA PRO B 60 -3.16 4.97 -21.88
C PRO B 60 -4.23 4.55 -22.87
N ASP B 61 -4.54 5.48 -23.79
CA ASP B 61 -5.52 5.26 -24.86
C ASP B 61 -4.80 5.59 -26.16
N ALA B 62 -4.23 4.58 -26.80
CA ALA B 62 -3.46 4.82 -28.02
C ALA B 62 -3.59 3.61 -28.93
N LEU B 63 -3.39 3.87 -30.22
CA LEU B 63 -3.30 2.78 -31.18
C LEU B 63 -2.01 2.01 -30.93
N GLY B 64 -2.05 0.70 -31.16
CA GLY B 64 -0.86 -0.09 -30.89
C GLY B 64 -0.66 -0.50 -29.45
N VAL B 65 -1.51 -0.03 -28.56
CA VAL B 65 -1.54 -0.40 -27.15
C VAL B 65 -2.84 -1.15 -26.90
N HIS B 66 -2.87 -1.98 -25.87
CA HIS B 66 -4.09 -2.70 -25.59
C HIS B 66 -5.22 -1.72 -25.28
N SER B 67 -6.44 -2.14 -25.60
CA SER B 67 -7.64 -1.35 -25.33
C SER B 67 -7.75 -1.08 -23.82
N PRO B 68 -8.04 0.16 -23.40
CA PRO B 68 -7.87 0.51 -21.98
C PRO B 68 -8.85 -0.17 -21.05
N PHE B 69 -10.15 -0.19 -21.36
CA PHE B 69 -11.08 -0.75 -20.37
C PHE B 69 -10.91 -2.26 -20.26
N ILE B 70 -10.61 -2.92 -21.38
CA ILE B 70 -10.39 -4.36 -21.35
C ILE B 70 -9.13 -4.66 -20.53
N ALA B 71 -8.07 -3.86 -20.70
CA ALA B 71 -6.86 -4.04 -19.91
C ALA B 71 -7.12 -3.78 -18.44
N MET B 72 -7.94 -2.77 -18.12
CA MET B 72 -8.25 -2.49 -16.72
C MET B 72 -9.04 -3.63 -16.09
N MET B 73 -9.95 -4.25 -16.83
CA MET B 73 -10.66 -5.40 -16.30
C MET B 73 -9.67 -6.54 -16.00
N ALA B 74 -8.71 -6.77 -16.89
CA ALA B 74 -7.72 -7.82 -16.60
C ALA B 74 -6.90 -7.47 -15.37
N ALA B 75 -6.63 -6.18 -15.15
CA ALA B 75 -5.92 -5.74 -13.95
C ALA B 75 -6.78 -5.92 -12.70
N ALA B 76 -8.07 -5.60 -12.80
CA ALA B 76 -8.96 -5.75 -11.65
C ALA B 76 -9.03 -7.20 -11.18
N ALA B 77 -8.84 -8.15 -12.10
CA ALA B 77 -8.98 -9.56 -11.76
C ALA B 77 -7.82 -10.05 -10.92
N VAL B 78 -6.70 -9.34 -10.88
CA VAL B 78 -5.53 -9.81 -10.15
C VAL B 78 -5.12 -8.85 -9.05
N THR B 79 -5.91 -7.83 -8.77
CA THR B 79 -5.62 -6.87 -7.72
C THR B 79 -6.88 -6.67 -6.88
N GLU B 80 -6.67 -6.18 -5.66
CA GLU B 80 -7.79 -6.00 -4.73
C GLU B 80 -8.00 -4.56 -4.28
N ARG B 81 -6.96 -3.75 -4.23
CA ARG B 81 -6.99 -2.43 -3.60
C ARG B 81 -6.90 -1.28 -4.59
N VAL B 82 -6.05 -1.37 -5.62
CA VAL B 82 -5.75 -0.18 -6.41
C VAL B 82 -6.99 0.29 -7.16
N GLN B 83 -7.10 1.61 -7.31
CA GLN B 83 -7.98 2.20 -8.31
C GLN B 83 -7.38 2.01 -9.69
N LEU B 84 -8.23 2.00 -10.71
CA LEU B 84 -7.84 1.78 -12.11
C LEU B 84 -8.34 2.96 -12.93
N THR B 85 -7.44 3.63 -13.65
CA THR B 85 -7.83 4.85 -14.35
C THR B 85 -7.28 4.88 -15.77
N THR B 86 -8.03 5.53 -16.65
CA THR B 86 -7.51 5.92 -17.95
C THR B 86 -6.73 7.22 -17.83
N PHE B 87 -5.61 7.30 -18.55
CA PHE B 87 -4.65 8.39 -18.39
C PHE B 87 -3.97 8.70 -19.72
N VAL B 88 -4.63 9.46 -20.59
CA VAL B 88 -6.06 9.79 -20.55
C VAL B 88 -6.73 9.31 -21.85
N LEU B 89 -8.05 9.15 -21.82
CA LEU B 89 -8.77 8.79 -23.05
C LEU B 89 -8.61 9.89 -24.09
N ASN B 90 -8.46 9.45 -25.35
CA ASN B 90 -8.46 10.35 -26.49
C ASN B 90 -9.93 10.57 -26.84
N SER B 91 -10.46 11.74 -26.52
CA SER B 91 -11.89 11.97 -26.74
C SER B 91 -12.33 11.68 -28.18
N ALA B 92 -11.42 11.73 -29.14
CA ALA B 92 -11.84 11.49 -30.52
C ALA B 92 -12.18 10.02 -30.77
N PHE B 93 -11.72 9.12 -29.90
CA PHE B 93 -11.91 7.69 -30.07
C PHE B 93 -13.24 7.17 -29.55
N TRP B 94 -14.05 8.00 -28.87
CA TRP B 94 -15.19 7.51 -28.09
C TRP B 94 -16.47 8.26 -28.41
N ASN B 95 -17.54 7.52 -28.65
CA ASN B 95 -18.87 8.12 -28.74
C ASN B 95 -19.37 8.32 -27.30
N PRO B 96 -19.86 9.52 -26.95
CA PRO B 96 -20.12 9.78 -25.52
C PRO B 96 -21.14 8.85 -24.89
N VAL B 97 -22.22 8.54 -25.59
CA VAL B 97 -23.25 7.66 -25.05
C VAL B 97 -22.72 6.25 -24.87
N LEU B 98 -21.93 5.79 -25.83
CA LEU B 98 -21.31 4.47 -25.69
C LEU B 98 -20.19 4.47 -24.64
N LEU B 99 -19.47 5.58 -24.51
CA LEU B 99 -18.49 5.67 -23.42
C LEU B 99 -19.19 5.62 -22.06
N ALA B 100 -20.32 6.33 -21.92
CA ALA B 100 -21.06 6.24 -20.66
C ALA B 100 -21.50 4.80 -20.36
N ARG B 101 -21.84 4.03 -21.40
CA ARG B 101 -22.16 2.62 -21.21
C ARG B 101 -20.95 1.86 -20.69
N ASP B 102 -19.78 2.11 -21.28
CA ASP B 102 -18.54 1.47 -20.84
C ASP B 102 -18.23 1.79 -19.37
N LEU B 103 -18.36 3.08 -19.02
CA LEU B 103 -17.97 3.52 -17.68
C LEU B 103 -18.90 2.95 -16.62
N LEU B 104 -20.21 2.95 -16.88
CA LEU B 104 -21.15 2.33 -15.94
C LEU B 104 -20.81 0.85 -15.73
N THR B 105 -20.50 0.15 -16.82
CA THR B 105 -20.19 -1.28 -16.73
C THR B 105 -18.89 -1.51 -15.97
N ALA B 106 -17.86 -0.76 -16.30
CA ALA B 106 -16.59 -0.90 -15.62
C ALA B 106 -16.74 -0.63 -14.12
N HIS B 107 -17.49 0.40 -13.77
CA HIS B 107 -17.80 0.69 -12.36
C HIS B 107 -18.51 -0.50 -11.70
N GLU B 108 -19.60 -0.95 -12.28
CA GLU B 108 -20.38 -1.96 -11.55
C GLU B 108 -19.64 -3.28 -11.48
N LEU B 109 -18.90 -3.64 -12.52
CA LEU B 109 -18.33 -4.98 -12.57
C LEU B 109 -16.94 -5.05 -11.95
N THR B 110 -16.39 -3.93 -11.45
CA THR B 110 -15.18 -3.95 -10.62
C THR B 110 -15.47 -3.61 -9.18
N GLY B 111 -16.71 -3.33 -8.83
CA GLY B 111 -16.99 -2.88 -7.49
C GLY B 111 -16.61 -1.45 -7.21
N GLY B 112 -16.67 -0.61 -8.23
CA GLY B 112 -16.43 0.81 -8.07
C GLY B 112 -14.98 1.24 -8.04
N ARG B 113 -14.12 0.55 -8.78
CA ARG B 113 -12.69 0.80 -8.72
C ARG B 113 -12.16 1.58 -9.90
N VAL B 114 -13.03 2.04 -10.79
CA VAL B 114 -12.62 2.65 -12.05
C VAL B 114 -12.82 4.18 -12.03
N GLU B 115 -11.80 4.91 -12.51
CA GLU B 115 -11.87 6.35 -12.77
C GLU B 115 -11.52 6.59 -14.23
N ALA B 116 -12.00 7.72 -14.75
CA ALA B 116 -11.83 8.02 -16.18
C ALA B 116 -11.15 9.36 -16.34
N GLY B 117 -9.88 9.33 -16.78
CA GLY B 117 -9.20 10.52 -17.25
C GLY B 117 -9.47 10.73 -18.72
N LEU B 118 -9.74 11.97 -19.09
CA LEU B 118 -10.04 12.32 -20.48
C LEU B 118 -9.18 13.49 -20.96
N GLY B 119 -8.87 13.47 -22.25
CA GLY B 119 -8.14 14.56 -22.86
C GLY B 119 -8.54 14.71 -24.31
N THR B 120 -7.81 15.57 -25.05
CA THR B 120 -8.26 15.87 -26.40
C THR B 120 -7.74 14.94 -27.48
N GLY B 121 -6.58 14.33 -27.27
CA GLY B 121 -5.99 13.61 -28.37
C GLY B 121 -5.13 14.52 -29.23
N TYR B 122 -3.88 14.14 -29.45
CA TYR B 122 -2.94 15.10 -30.02
C TYR B 122 -2.06 14.52 -31.11
N VAL B 123 -2.27 13.29 -31.52
CA VAL B 123 -1.43 12.64 -32.52
C VAL B 123 -2.23 12.54 -33.81
N ARG B 124 -1.90 13.37 -34.80
CA ARG B 124 -2.71 13.38 -36.02
C ARG B 124 -2.69 12.01 -36.72
N ALA B 125 -1.53 11.35 -36.69
CA ALA B 125 -1.42 10.07 -37.40
C ALA B 125 -2.43 9.05 -36.90
N GLU B 126 -2.79 9.09 -35.60
CA GLU B 126 -3.78 8.16 -35.08
C GLU B 126 -5.17 8.48 -35.60
N PHE B 127 -5.52 9.76 -35.73
CA PHE B 127 -6.80 10.10 -36.36
C PHE B 127 -6.84 9.57 -37.80
N GLU B 128 -5.77 9.78 -38.55
CA GLU B 128 -5.76 9.35 -39.94
C GLU B 128 -5.91 7.84 -40.03
N THR B 129 -5.21 7.09 -39.18
CA THR B 129 -5.26 5.63 -39.28
C THR B 129 -6.66 5.12 -38.97
N ALA B 130 -7.34 5.74 -38.01
CA ALA B 130 -8.65 5.28 -37.59
C ALA B 130 -9.78 5.94 -38.36
N GLY B 131 -9.46 6.82 -39.30
CA GLY B 131 -10.47 7.41 -40.14
C GLY B 131 -11.29 8.48 -39.47
N LEU B 132 -10.71 9.20 -38.53
CA LEU B 132 -11.35 10.27 -37.78
C LEU B 132 -10.93 11.64 -38.27
N ASP B 133 -11.84 12.61 -38.12
CA ASP B 133 -11.63 13.99 -38.58
C ASP B 133 -10.75 14.72 -37.58
N TRP B 134 -9.54 15.07 -38.02
CA TRP B 134 -8.59 15.85 -37.21
C TRP B 134 -9.17 17.23 -36.89
N GLY B 135 -9.87 17.83 -37.84
CA GLY B 135 -10.51 19.11 -37.56
C GLY B 135 -9.53 20.23 -37.30
N THR B 136 -9.85 21.02 -36.27
CA THR B 136 -8.99 22.09 -35.77
C THR B 136 -8.70 21.84 -34.30
N ALA B 137 -7.69 22.54 -33.77
CA ALA B 137 -7.42 22.40 -32.34
C ALA B 137 -8.66 22.69 -31.49
N GLY B 138 -9.40 23.75 -31.83
CA GLY B 138 -10.60 24.05 -31.08
C GLY B 138 -11.71 23.03 -31.24
N THR B 139 -11.85 22.44 -32.44
CA THR B 139 -12.82 21.37 -32.62
C THR B 139 -12.49 20.17 -31.72
N ARG B 140 -11.20 19.86 -31.57
CA ARG B 140 -10.80 18.73 -30.75
C ARG B 140 -11.07 19.01 -29.27
N VAL B 141 -10.92 20.27 -28.85
CA VAL B 141 -11.30 20.61 -27.47
C VAL B 141 -12.82 20.57 -27.30
N THR B 142 -13.57 21.00 -28.30
CA THR B 142 -15.03 20.90 -28.21
C THR B 142 -15.50 19.45 -28.10
N ARG B 143 -14.80 18.52 -28.74
CA ARG B 143 -15.15 17.10 -28.59
C ARG B 143 -15.00 16.68 -27.13
N LEU B 144 -13.93 17.11 -26.48
CA LEU B 144 -13.78 16.82 -25.06
C LEU B 144 -14.88 17.48 -24.24
N ALA B 145 -15.17 18.75 -24.52
CA ALA B 145 -16.24 19.46 -23.82
C ALA B 145 -17.57 18.75 -23.97
N ASP B 146 -17.93 18.34 -25.20
CA ASP B 146 -19.21 17.67 -25.41
C ASP B 146 -19.28 16.33 -24.68
N THR B 147 -18.15 15.61 -24.64
CA THR B 147 -18.10 14.34 -23.95
C THR B 147 -18.26 14.54 -22.47
N LEU B 148 -17.55 15.50 -21.91
CA LEU B 148 -17.70 15.74 -20.47
C LEU B 148 -19.15 16.09 -20.12
N ALA B 149 -19.76 16.97 -20.90
CA ALA B 149 -21.13 17.37 -20.61
C ALA B 149 -22.08 16.19 -20.68
N ALA B 150 -21.89 15.30 -21.67
CA ALA B 150 -22.76 14.14 -21.82
C ALA B 150 -22.59 13.17 -20.67
N LEU B 151 -21.32 12.90 -20.27
CA LEU B 151 -21.08 11.96 -19.17
C LEU B 151 -21.73 12.46 -17.87
N ARG B 152 -21.68 13.76 -17.60
CA ARG B 152 -22.34 14.29 -16.41
C ARG B 152 -23.86 14.22 -16.57
N THR B 153 -24.37 14.51 -17.76
CA THR B 153 -25.81 14.42 -18.00
C THR B 153 -26.33 13.00 -17.81
N LEU B 154 -25.52 12.00 -18.14
CA LEU B 154 -25.88 10.61 -17.92
C LEU B 154 -25.51 10.13 -16.52
N ALA B 155 -24.91 10.98 -15.71
CA ALA B 155 -24.58 10.67 -14.33
C ALA B 155 -23.70 9.41 -14.20
N VAL B 156 -22.62 9.40 -14.98
CA VAL B 156 -21.71 8.26 -14.86
C VAL B 156 -21.15 8.21 -13.45
N PRO B 157 -21.00 7.02 -12.86
CA PRO B 157 -20.54 6.92 -11.47
C PRO B 157 -19.04 6.99 -11.31
N THR B 158 -18.29 6.89 -12.38
CA THR B 158 -16.83 6.90 -12.31
C THR B 158 -16.33 8.33 -12.10
N PRO B 159 -15.42 8.56 -11.15
CA PRO B 159 -14.81 9.89 -11.06
C PRO B 159 -14.13 10.28 -12.35
N LEU B 160 -14.14 11.56 -12.67
CA LEU B 160 -13.64 12.06 -13.95
C LEU B 160 -12.42 12.95 -13.75
N MET B 161 -11.38 12.67 -14.53
CA MET B 161 -10.16 13.48 -14.50
C MET B 161 -10.06 14.14 -15.88
N VAL B 162 -9.61 15.38 -15.96
CA VAL B 162 -9.38 16.09 -17.22
C VAL B 162 -7.92 16.53 -17.29
N GLY B 163 -7.24 16.20 -18.38
CA GLY B 163 -5.82 16.50 -18.55
C GLY B 163 -5.58 17.41 -19.74
N GLY B 164 -4.57 18.27 -19.63
CA GLY B 164 -4.15 19.18 -20.68
C GLY B 164 -3.98 20.57 -20.09
N ASN B 165 -3.01 21.31 -20.62
CA ASN B 165 -2.66 22.61 -20.06
C ASN B 165 -3.29 23.79 -20.77
N GLY B 166 -4.05 23.59 -21.85
CA GLY B 166 -4.63 24.72 -22.56
C GLY B 166 -5.67 25.49 -21.75
N ASP B 167 -5.83 26.79 -22.06
CA ASP B 167 -6.76 27.63 -21.31
C ASP B 167 -8.15 27.00 -21.24
N ARG B 168 -8.69 26.62 -22.40
CA ARG B 168 -10.05 26.10 -22.43
C ARG B 168 -10.18 24.75 -21.74
N VAL B 169 -9.19 23.88 -21.91
CA VAL B 169 -9.23 22.56 -21.29
C VAL B 169 -9.19 22.69 -19.77
N LEU B 170 -8.30 23.55 -19.24
CA LEU B 170 -8.30 23.78 -17.81
C LEU B 170 -9.64 24.33 -17.32
N GLY B 171 -10.29 25.18 -18.15
CA GLY B 171 -11.62 25.65 -17.82
C GLY B 171 -12.63 24.52 -17.74
N LEU B 172 -12.55 23.57 -18.66
CA LEU B 172 -13.41 22.40 -18.65
C LEU B 172 -13.14 21.55 -17.41
N ALA B 173 -11.87 21.39 -17.02
CA ALA B 173 -11.58 20.67 -15.77
C ALA B 173 -12.18 21.40 -14.57
N ALA B 174 -12.01 22.71 -14.52
CA ALA B 174 -12.62 23.49 -13.45
C ALA B 174 -14.14 23.32 -13.40
N GLU B 175 -14.78 23.13 -14.53
CA GLU B 175 -16.23 23.04 -14.55
C GLU B 175 -16.76 21.65 -14.25
N HIS B 176 -16.12 20.59 -14.78
CA HIS B 176 -16.71 19.25 -14.78
C HIS B 176 -15.97 18.22 -13.96
N ALA B 177 -14.68 18.42 -13.68
CA ALA B 177 -13.81 17.32 -13.28
C ALA B 177 -13.74 17.15 -11.76
N ASP B 178 -13.51 15.91 -11.35
CA ASP B 178 -13.14 15.61 -9.98
C ASP B 178 -11.64 15.81 -9.73
N THR B 179 -10.84 15.64 -10.78
CA THR B 179 -9.38 15.74 -10.75
C THR B 179 -8.93 16.49 -11.99
N VAL B 180 -8.00 17.43 -11.82
CA VAL B 180 -7.34 18.09 -12.95
C VAL B 180 -5.91 17.58 -13.04
N SER B 181 -5.46 17.22 -14.22
CA SER B 181 -4.09 16.76 -14.45
C SER B 181 -3.29 17.79 -15.25
N PHE B 182 -2.20 18.26 -14.66
CA PHE B 182 -1.31 19.23 -15.28
C PHE B 182 -0.15 18.50 -15.91
N SER B 183 0.18 18.90 -17.12
CA SER B 183 1.33 18.35 -17.82
C SER B 183 2.59 19.13 -17.46
N GLY B 184 3.65 18.40 -17.16
CA GLY B 184 4.94 18.99 -16.88
C GLY B 184 5.87 19.03 -18.07
N ALA B 185 5.42 18.54 -19.21
CA ALA B 185 6.23 18.48 -20.42
C ALA B 185 5.30 18.37 -21.63
N ARG B 197 10.45 19.01 -23.96
CA ARG B 197 10.00 20.36 -23.59
C ARG B 197 9.44 20.40 -22.16
N MET B 198 10.33 20.53 -21.18
CA MET B 198 9.92 20.49 -19.76
C MET B 198 9.50 21.88 -19.29
N ILE B 199 8.38 21.96 -18.58
CA ILE B 199 7.82 23.25 -18.09
C ILE B 199 8.55 23.67 -16.83
N THR B 200 8.94 24.94 -16.72
CA THR B 200 9.61 25.48 -15.53
C THR B 200 8.64 25.55 -14.38
N ALA B 201 9.13 25.64 -13.15
CA ALA B 201 8.26 25.80 -11.97
C ALA B 201 7.48 27.11 -12.12
N GLU B 202 8.09 28.15 -12.70
CA GLU B 202 7.40 29.44 -12.88
C GLU B 202 6.28 29.32 -13.91
N ALA B 203 6.51 28.56 -14.98
CA ALA B 203 5.43 28.33 -15.95
C ALA B 203 4.28 27.53 -15.33
N MET B 204 4.60 26.53 -14.53
CA MET B 204 3.54 25.82 -13.80
C MET B 204 2.77 26.70 -12.87
N ASP B 205 3.46 27.60 -12.16
CA ASP B 205 2.77 28.54 -11.29
C ASP B 205 1.63 29.22 -12.04
N GLU B 206 1.90 29.64 -13.27
CA GLU B 206 0.93 30.38 -14.06
C GLU B 206 -0.24 29.49 -14.50
N ARG B 207 0.05 28.25 -14.88
CA ARG B 207 -1.04 27.35 -15.27
C ARG B 207 -1.90 26.96 -14.07
N VAL B 208 -1.28 26.66 -12.91
CA VAL B 208 -2.09 26.34 -11.73
C VAL B 208 -2.93 27.55 -11.30
N ALA B 209 -2.34 28.75 -11.35
CA ALA B 209 -3.10 29.94 -11.00
C ALA B 209 -4.23 30.19 -11.98
N PHE B 210 -3.99 29.94 -13.27
CA PHE B 210 -5.06 30.11 -14.25
C PHE B 210 -6.20 29.15 -13.94
N PHE B 211 -5.87 27.90 -13.60
CA PHE B 211 -6.91 26.92 -13.27
C PHE B 211 -7.70 27.36 -12.05
N ALA B 212 -6.98 27.81 -11.01
CA ALA B 212 -7.64 28.15 -9.76
C ALA B 212 -8.61 29.31 -9.96
N GLU B 213 -8.28 30.22 -10.86
CA GLU B 213 -9.17 31.37 -11.12
C GLU B 213 -10.46 30.83 -11.77
N ARG B 214 -10.32 29.89 -12.69
CA ARG B 214 -11.50 29.34 -13.40
C ARG B 214 -12.34 28.52 -12.41
N ALA B 215 -11.68 27.79 -11.51
CA ALA B 215 -12.41 26.90 -10.59
C ALA B 215 -13.20 27.71 -9.54
N GLY B 216 -12.68 28.87 -9.13
CA GLY B 216 -13.43 29.67 -8.17
C GLY B 216 -13.74 28.87 -6.94
N GLU B 217 -15.01 28.92 -6.53
CA GLU B 217 -15.45 28.28 -5.29
C GLU B 217 -15.44 26.76 -5.37
N ARG B 218 -15.26 26.17 -6.56
CA ARG B 218 -15.07 24.74 -6.70
C ARG B 218 -13.65 24.29 -6.39
N ASP B 219 -12.70 25.23 -6.31
CA ASP B 219 -11.29 24.89 -6.30
C ASP B 219 -10.98 23.79 -5.29
N SER B 220 -11.46 23.94 -4.05
CA SER B 220 -11.17 22.97 -3.00
C SER B 220 -11.76 21.59 -3.27
N GLN B 221 -12.68 21.46 -4.23
CA GLN B 221 -13.31 20.19 -4.53
C GLN B 221 -12.60 19.42 -5.65
N VAL B 222 -11.55 19.99 -6.24
CA VAL B 222 -10.87 19.37 -7.38
C VAL B 222 -9.46 18.97 -6.95
N GLU B 223 -9.19 17.67 -6.99
CA GLU B 223 -7.87 17.11 -6.76
C GLU B 223 -6.96 17.53 -7.89
N ARG B 224 -5.68 17.74 -7.59
CA ARG B 224 -4.70 18.13 -8.60
C ARG B 224 -3.66 17.03 -8.77
N ASN B 225 -3.47 16.60 -10.01
CA ASN B 225 -2.58 15.53 -10.44
C ASN B 225 -1.47 16.07 -11.31
N THR B 226 -0.33 15.39 -11.28
CA THR B 226 0.67 15.57 -12.32
C THR B 226 1.41 14.25 -12.54
N LEU B 227 1.99 14.11 -13.73
CA LEU B 227 2.81 12.96 -14.09
C LEU B 227 4.26 13.39 -14.02
N VAL B 228 5.04 12.70 -13.20
CA VAL B 228 6.48 12.89 -13.14
C VAL B 228 7.09 12.03 -14.22
N GLN B 229 7.84 12.66 -15.14
CA GLN B 229 8.36 11.95 -16.29
C GLN B 229 9.62 11.17 -15.98
N SER B 230 10.44 11.62 -15.02
CA SER B 230 11.69 10.93 -14.72
C SER B 230 11.96 10.99 -13.24
N VAL B 231 12.34 9.84 -12.69
CA VAL B 231 12.67 9.68 -11.28
C VAL B 231 14.15 9.29 -11.26
N ILE B 232 15.03 10.22 -10.88
CA ILE B 232 16.48 10.04 -10.97
C ILE B 232 17.02 9.85 -9.57
N ALA B 233 17.30 8.60 -9.19
CA ALA B 233 17.87 8.27 -7.89
C ALA B 233 19.35 8.61 -7.88
N THR B 234 19.76 9.42 -6.93
CA THR B 234 21.15 9.86 -6.88
C THR B 234 21.50 10.29 -5.47
N ASP B 235 22.72 9.94 -5.02
CA ASP B 235 23.19 10.42 -3.73
C ASP B 235 23.83 11.79 -3.81
N ASP B 236 23.87 12.41 -5.00
CA ASP B 236 24.38 13.77 -5.17
C ASP B 236 23.50 14.49 -6.20
N ARG B 237 22.29 14.87 -5.79
CA ARG B 237 21.40 15.56 -6.72
C ARG B 237 22.02 16.84 -7.26
N ALA B 238 22.85 17.52 -6.46
CA ALA B 238 23.46 18.75 -6.95
C ALA B 238 24.35 18.46 -8.16
N ALA B 239 25.19 17.43 -8.06
CA ALA B 239 26.07 17.10 -9.17
C ALA B 239 25.28 16.60 -10.37
N THR B 240 24.25 15.79 -10.12
CA THR B 240 23.39 15.29 -11.18
C THR B 240 22.73 16.44 -11.93
N ALA B 241 22.11 17.38 -11.21
CA ALA B 241 21.52 18.56 -11.85
C ALA B 241 22.56 19.32 -12.67
N LYS B 242 23.72 19.61 -12.08
CA LYS B 242 24.75 20.33 -12.83
C LYS B 242 25.13 19.57 -14.10
N ALA B 243 25.19 18.24 -14.00
CA ALA B 243 25.60 17.45 -15.16
C ALA B 243 24.50 17.44 -16.22
N MET B 244 23.25 17.50 -15.77
CA MET B 244 22.10 17.41 -16.71
C MET B 244 21.97 18.70 -17.54
N ARG B 245 22.72 19.74 -17.18
CA ARG B 245 22.72 20.95 -18.04
C ARG B 245 23.23 20.54 -19.44
N SER B 246 23.91 19.40 -19.56
CA SER B 246 24.34 18.89 -20.88
C SER B 246 23.13 18.76 -21.80
N ARG B 247 22.02 18.24 -21.28
CA ARG B 247 20.82 17.99 -22.13
C ARG B 247 19.85 19.16 -22.01
N MET B 248 20.04 20.04 -21.01
CA MET B 248 19.20 21.23 -20.87
C MET B 248 20.09 22.44 -20.62
N PRO B 249 20.92 22.82 -21.60
CA PRO B 249 21.82 23.98 -21.39
C PRO B 249 21.06 25.28 -21.25
N TYR B 250 19.79 25.32 -21.63
CA TYR B 250 18.96 26.51 -21.49
C TYR B 250 18.43 26.71 -20.07
N LEU B 251 18.63 25.75 -19.16
CA LEU B 251 18.21 25.89 -17.77
C LEU B 251 19.43 25.90 -16.85
N THR B 252 19.31 26.61 -15.74
CA THR B 252 20.32 26.52 -14.68
C THR B 252 20.13 25.22 -13.91
N ALA B 253 21.13 24.89 -13.08
CA ALA B 253 21.02 23.70 -12.25
C ALA B 253 19.87 23.83 -11.25
N GLU B 254 19.64 25.04 -10.74
CA GLU B 254 18.53 25.25 -9.82
C GLU B 254 17.19 25.08 -10.53
N GLN B 255 17.08 25.57 -11.77
CA GLN B 255 15.87 25.37 -12.55
C GLN B 255 15.59 23.89 -12.76
N ILE B 256 16.61 23.12 -13.08
CA ILE B 256 16.43 21.66 -13.32
C ILE B 256 15.91 21.01 -12.02
N LEU B 257 16.45 21.42 -10.87
CA LEU B 257 16.04 20.86 -9.57
C LEU B 257 14.60 21.30 -9.22
N GLN B 258 14.06 22.29 -9.91
CA GLN B 258 12.70 22.81 -9.64
C GLN B 258 11.68 22.35 -10.71
N LEU B 259 12.14 21.66 -11.74
CA LEU B 259 11.25 21.18 -12.81
C LEU B 259 10.19 20.25 -12.18
N PRO B 260 8.89 20.57 -12.24
CA PRO B 260 7.90 19.71 -11.57
C PRO B 260 7.80 18.30 -12.13
N THR B 261 8.27 18.06 -13.34
CA THR B 261 8.18 16.73 -13.95
C THR B 261 9.42 15.87 -13.71
N LEU B 262 10.38 16.34 -12.91
CA LEU B 262 11.58 15.60 -12.57
C LEU B 262 11.67 15.48 -11.04
N LEU B 263 12.04 14.30 -10.57
CA LEU B 263 12.31 14.05 -9.15
C LEU B 263 13.72 13.49 -9.05
N ILE B 264 14.59 14.18 -8.30
CA ILE B 264 16.01 13.88 -8.27
C ILE B 264 16.48 13.79 -6.82
N GLY B 265 17.19 12.72 -6.49
CA GLY B 265 17.85 12.63 -5.21
C GLY B 265 17.62 11.32 -4.49
N THR B 266 17.75 11.33 -3.17
CA THR B 266 17.41 10.17 -2.35
C THR B 266 15.91 10.12 -2.10
N PRO B 267 15.42 9.01 -1.53
CA PRO B 267 13.96 8.97 -1.24
C PRO B 267 13.53 10.09 -0.33
N ALA B 268 14.30 10.40 0.70
CA ALA B 268 13.90 11.46 1.62
C ALA B 268 13.88 12.80 0.91
N GLN B 269 14.88 13.08 0.06
CA GLN B 269 14.89 14.32 -0.71
C GLN B 269 13.72 14.40 -1.66
N MET B 270 13.41 13.28 -2.32
CA MET B 270 12.30 13.26 -3.24
C MET B 270 10.98 13.48 -2.50
N ALA B 271 10.85 12.91 -1.31
CA ALA B 271 9.64 13.09 -0.49
C ALA B 271 9.50 14.55 -0.09
N GLU B 272 10.59 15.19 0.32
CA GLU B 272 10.59 16.62 0.71
C GLU B 272 10.25 17.48 -0.52
N THR B 273 10.71 17.07 -1.71
CA THR B 273 10.42 17.81 -2.95
C THR B 273 8.94 17.73 -3.22
N LEU B 274 8.33 16.55 -3.08
CA LEU B 274 6.90 16.40 -3.33
C LEU B 274 6.07 17.14 -2.29
N LEU B 275 6.54 17.17 -1.05
CA LEU B 275 5.85 17.96 -0.01
C LEU B 275 5.86 19.44 -0.37
N GLU B 276 7.00 19.95 -0.84
CA GLU B 276 7.09 21.35 -1.26
C GLU B 276 6.21 21.63 -2.47
N ARG B 277 6.12 20.67 -3.40
CA ARG B 277 5.32 20.87 -4.60
C ARG B 277 3.83 20.75 -4.32
N ARG B 278 3.44 19.98 -3.30
CA ARG B 278 2.05 20.03 -2.86
C ARG B 278 1.71 21.38 -2.25
N GLU B 279 2.64 21.99 -1.50
CA GLU B 279 2.37 23.33 -0.97
C GLU B 279 2.32 24.38 -2.09
N ARG B 280 3.22 24.30 -3.05
CA ARG B 280 3.36 25.35 -4.07
C ARG B 280 2.30 25.24 -5.15
N PHE B 281 2.10 24.03 -5.69
CA PHE B 281 1.19 23.77 -6.80
C PHE B 281 -0.10 23.09 -6.40
N GLY B 282 -0.18 22.54 -5.19
CA GLY B 282 -1.35 21.78 -4.81
C GLY B 282 -1.35 20.35 -5.28
N PHE B 283 -0.22 19.85 -5.80
CA PHE B 283 -0.19 18.52 -6.39
C PHE B 283 -0.17 17.45 -5.30
N SER B 284 -1.24 16.66 -5.20
CA SER B 284 -1.30 15.59 -4.20
C SER B 284 -1.43 14.21 -4.84
N TYR B 285 -1.84 14.14 -6.08
CA TYR B 285 -1.99 12.90 -6.84
C TYR B 285 -0.83 12.84 -7.84
N VAL B 286 0.16 12.00 -7.57
CA VAL B 286 1.42 11.98 -8.32
C VAL B 286 1.55 10.64 -9.01
N CYS B 287 1.72 10.65 -10.34
CA CYS B 287 1.96 9.46 -11.13
C CYS B 287 3.39 9.45 -11.65
N VAL B 288 3.92 8.24 -11.84
CA VAL B 288 5.21 7.99 -12.49
C VAL B 288 5.01 6.98 -13.61
N GLN B 289 5.97 6.95 -14.52
CA GLN B 289 5.95 6.03 -15.64
C GLN B 289 6.37 4.64 -15.19
N GLU B 290 5.93 3.63 -15.95
CA GLU B 290 6.16 2.23 -15.60
C GLU B 290 7.62 1.94 -15.33
N ARG B 291 8.54 2.48 -16.13
CA ARG B 291 9.94 2.11 -15.97
C ARG B 291 10.50 2.54 -14.62
N TYR B 292 9.85 3.49 -13.94
CA TYR B 292 10.28 3.98 -12.63
C TYR B 292 9.50 3.35 -11.48
N LEU B 293 8.73 2.29 -11.73
CA LEU B 293 7.87 1.72 -10.71
C LEU B 293 8.66 1.42 -9.44
N ALA B 294 9.77 0.71 -9.57
CA ALA B 294 10.58 0.34 -8.42
C ALA B 294 11.40 1.51 -7.88
N ALA B 295 11.89 2.37 -8.78
CA ALA B 295 12.72 3.50 -8.36
C ALA B 295 11.94 4.45 -7.46
N PHE B 296 10.65 4.63 -7.72
CA PHE B 296 9.84 5.55 -6.93
C PHE B 296 9.25 4.91 -5.69
N ALA B 297 9.11 3.59 -5.68
CA ALA B 297 8.43 2.93 -4.57
C ALA B 297 8.93 3.34 -3.19
N PRO B 298 10.23 3.56 -2.96
CA PRO B 298 10.65 3.97 -1.61
C PRO B 298 9.98 5.25 -1.15
N VAL B 299 9.63 6.14 -2.08
CA VAL B 299 8.97 7.39 -1.71
C VAL B 299 7.59 7.11 -1.14
N ILE B 300 6.87 6.11 -1.67
CA ILE B 300 5.57 5.75 -1.13
C ILE B 300 5.69 5.32 0.34
N GLY B 301 6.79 4.65 0.70
CA GLY B 301 6.98 4.26 2.08
C GLY B 301 7.04 5.44 3.03
N LEU B 302 7.47 6.59 2.54
CA LEU B 302 7.54 7.79 3.37
C LEU B 302 6.28 8.64 3.32
N LEU B 303 5.58 8.68 2.18
CA LEU B 303 4.45 9.58 2.01
C LEU B 303 3.10 8.88 1.85
N GLY B 304 3.07 7.61 1.49
CA GLY B 304 1.83 6.91 1.21
C GLY B 304 1.08 6.55 2.49
N1 F42 C . -7.54 -10.70 12.82
C2 F42 C . -8.10 -11.57 11.95
O2 F42 C . -9.25 -11.78 12.02
N3 F42 C . -7.34 -12.17 11.00
C4 F42 C . -6.03 -11.90 10.93
O4 F42 C . -5.38 -12.44 10.10
C4A F42 C . -5.47 -11.02 11.83
C5 F42 C . -4.11 -10.72 11.79
C5A F42 C . -3.57 -9.85 12.69
C6 F42 C . -2.19 -9.56 12.64
C7 F42 C . -1.65 -8.66 13.56
C8 F42 C . -2.45 -8.06 14.51
O8M F42 C . -1.81 -7.18 15.39
C9 F42 C . -3.78 -8.36 14.56
C9A F42 C . -4.36 -9.25 13.64
N10 F42 C . -5.69 -9.54 13.70
C10 F42 C . -6.24 -10.43 12.77
C1' F42 C . -6.58 -8.92 14.67
C2' F42 C . -6.81 -9.77 15.90
O2' F42 C . -7.87 -10.64 15.64
C3' F42 C . -7.14 -8.88 17.09
O3' F42 C . -7.29 -9.68 18.22
C4' F42 C . -8.44 -8.08 16.93
O4' F42 C . -8.37 -7.13 15.92
C5' F42 C . -8.72 -7.31 18.21
O5' F42 C . -7.63 -6.47 18.44
P F42 C . -7.86 -5.28 19.56
O1P F42 C . -8.09 -5.95 20.87
O2P F42 C . -6.72 -4.33 19.61
O3P F42 C . -9.12 -4.33 19.08
C1I F42 C . -8.92 -3.67 17.86
C2I F42 C . -10.12 -3.90 16.95
C3I F42 C . -8.77 -2.17 18.11
O3I F42 C . -8.34 -1.47 17.27
N1H F42 C . -9.19 -1.65 19.42
C1H F42 C . -9.13 -0.24 19.75
C2H F42 C . -8.44 -0.01 21.08
O2U F42 C . -8.05 1.15 21.41
O2T F42 C . -8.25 -0.98 21.85
C3H F42 C . -10.57 0.23 19.89
C4H F42 C . -11.18 0.47 18.51
C5H F42 C . -12.64 0.91 18.71
O5H F42 C . -13.41 0.12 19.10
N1G F42 C . -13.12 2.26 18.43
C1G F42 C . -12.26 3.32 17.93
C2G F42 C . -11.20 3.73 18.96
O2V F42 C . -10.13 4.28 18.58
O2W F42 C . -11.40 3.52 20.19
C3G F42 C . -13.13 4.53 17.59
C4G F42 C . -13.64 5.24 18.84
C5G F42 C . -15.10 5.61 18.66
O6G F42 C . -15.94 5.24 19.54
O7G F42 C . -15.49 6.28 17.67
#